data_8HZM
#
_entry.id   8HZM
#
_cell.length_a   77.694
_cell.length_b   46.871
_cell.length_c   56.722
_cell.angle_alpha   90.00
_cell.angle_beta   113.70
_cell.angle_gamma   90.00
#
_symmetry.space_group_name_H-M   'C 1 2 1'
#
loop_
_entity.id
_entity.type
_entity.pdbx_description
1 polymer 'RNA (36-MER)'
2 non-polymer "GUANOSINE-5'-TRIPHOSPHATE"
3 non-polymer 'MANGANESE (II) ION'
4 non-polymer 'POTASSIUM ION'
5 non-polymer 'MAGNESIUM ION'
6 non-polymer (5~{Z})-5-[[4-[2-hydroxyethyl(methyl)amino]phenyl]methylidene]-3-methyl-2-[(~{E})-2-phenylethenyl]imidazol-4-one
7 water water
#
_entity_poly.entity_id   1
_entity_poly.type   'polyribonucleotide'
_entity_poly.pdbx_seq_one_letter_code
;GAAGAUUGUAAACAUGCCGAAAGGCAGACACUUCC
;
_entity_poly.pdbx_strand_id   A,B
#